data_2RLU
#
_entry.id   2RLU
#
_entity_poly.entity_id   1
_entity_poly.type   'polyribonucleotide'
_entity_poly.pdbx_seq_one_letter_code
;GGUUGCGGGUCUCGCAACC
;
_entity_poly.pdbx_strand_id   A
#